data_1IPE
#
_entry.id   1IPE
#
_cell.length_a   88.600
_cell.length_b   88.600
_cell.length_c   338.900
_cell.angle_alpha   90.00
_cell.angle_beta   90.00
_cell.angle_gamma   120.00
#
_symmetry.space_group_name_H-M   'P 61 2 2'
#
loop_
_entity.id
_entity.type
_entity.pdbx_description
1 polymer 'TROPINONE REDUCTASE-II'
2 non-polymer 'NADPH DIHYDRO-NICOTINAMIDE-ADENINE-DINUCLEOTIDE PHOSPHATE'
3 water water
#
_entity_poly.entity_id   1
_entity_poly.type   'polypeptide(L)'
_entity_poly.pdbx_seq_one_letter_code
;AGRWNLEGCTALVTGGSRGIGYGIVEELASLGASVYTCSRNQKELNDCLTQWRSKGFKVEASVCDLSSRSERQELMNTVA
NHFHGKLNILVNNAGIVIYKEAKDYTVEDYSLIMSINFEAAYHLSVLAHPFLKASERGNVVFISSVSGALAVPYEAVYGA
TKGAMDQLTRCLAFEWAKDNIRVNGVGPGVIATSLVEMTIQDPEQKENLNKLIDRCALRRMGEPKELAAMVAFLCFPAAS
YVTGQIIYVDGGLMANCGF
;
_entity_poly.pdbx_strand_id   A,B
#
loop_
_chem_comp.id
_chem_comp.type
_chem_comp.name
_chem_comp.formula
NDP non-polymer 'NADPH DIHYDRO-NICOTINAMIDE-ADENINE-DINUCLEOTIDE PHOSPHATE' 'C21 H30 N7 O17 P3'
#
# COMPACT_ATOMS: atom_id res chain seq x y z
N ALA A 1 12.92 -31.86 3.19
CA ALA A 1 14.13 -31.08 2.83
C ALA A 1 15.12 -31.00 3.99
N GLY A 2 16.40 -31.00 3.67
CA GLY A 2 17.42 -30.89 4.70
C GLY A 2 17.33 -29.46 5.20
N ARG A 3 18.16 -29.08 6.16
CA ARG A 3 18.10 -27.73 6.70
C ARG A 3 18.47 -26.64 5.70
N TRP A 4 19.42 -26.94 4.80
CA TRP A 4 19.89 -25.98 3.82
C TRP A 4 19.56 -26.32 2.38
N ASN A 5 18.45 -27.01 2.17
CA ASN A 5 18.03 -27.33 0.80
C ASN A 5 16.50 -27.40 0.76
N LEU A 6 15.94 -27.47 -0.45
CA LEU A 6 14.48 -27.54 -0.60
C LEU A 6 14.07 -28.86 -1.19
N GLU A 7 14.93 -29.85 -1.00
CA GLU A 7 14.71 -31.20 -1.49
C GLU A 7 13.30 -31.69 -1.16
N GLY A 8 12.54 -31.99 -2.20
CA GLY A 8 11.18 -32.49 -1.99
C GLY A 8 10.05 -31.48 -1.91
N CYS A 9 10.36 -30.21 -1.68
CA CYS A 9 9.33 -29.19 -1.58
C CYS A 9 8.80 -28.78 -2.95
N THR A 10 7.53 -28.44 -3.01
CA THR A 10 6.85 -28.02 -4.23
C THR A 10 6.69 -26.51 -4.17
N ALA A 11 6.75 -25.85 -5.32
CA ALA A 11 6.61 -24.39 -5.33
C ALA A 11 5.95 -23.85 -6.58
N LEU A 12 5.22 -22.75 -6.43
CA LEU A 12 4.59 -22.08 -7.56
C LEU A 12 5.25 -20.72 -7.59
N VAL A 13 5.72 -20.31 -8.76
CA VAL A 13 6.36 -19.00 -8.91
C VAL A 13 5.74 -18.24 -10.07
N THR A 14 4.94 -17.23 -9.76
CA THR A 14 4.29 -16.45 -10.81
C THR A 14 5.28 -15.61 -11.61
N GLY A 15 5.18 -15.71 -12.93
CA GLY A 15 6.06 -14.96 -13.80
C GLY A 15 7.49 -15.44 -13.77
N GLY A 16 7.71 -16.68 -14.20
CA GLY A 16 9.06 -17.23 -14.18
C GLY A 16 9.76 -17.33 -15.53
N SER A 17 9.19 -16.69 -16.55
CA SER A 17 9.78 -16.75 -17.89
C SER A 17 10.92 -15.74 -18.08
N ARG A 18 10.95 -14.69 -17.27
CA ARG A 18 12.00 -13.70 -17.41
C ARG A 18 12.44 -13.04 -16.12
N GLY A 19 13.61 -12.42 -16.18
CA GLY A 19 14.15 -11.69 -15.04
C GLY A 19 14.33 -12.40 -13.71
N ILE A 20 13.91 -11.72 -12.64
CA ILE A 20 14.00 -12.25 -11.29
C ILE A 20 13.28 -13.58 -11.17
N GLY A 21 12.09 -13.66 -11.76
CA GLY A 21 11.31 -14.88 -11.70
C GLY A 21 12.05 -16.07 -12.29
N TYR A 22 12.55 -15.87 -13.49
CA TYR A 22 13.28 -16.92 -14.17
C TYR A 22 14.42 -17.41 -13.26
N GLY A 23 15.07 -16.45 -12.59
CA GLY A 23 16.17 -16.78 -11.70
C GLY A 23 15.70 -17.52 -10.47
N ILE A 24 14.50 -17.22 -9.98
CA ILE A 24 14.02 -17.91 -8.80
C ILE A 24 13.67 -19.34 -9.13
N VAL A 25 13.15 -19.59 -10.33
CA VAL A 25 12.81 -20.96 -10.72
C VAL A 25 14.08 -21.81 -10.74
N GLU A 26 15.17 -21.22 -11.22
CA GLU A 26 16.44 -21.93 -11.29
C GLU A 26 17.04 -22.25 -9.92
N GLU A 27 16.99 -21.29 -9.00
CA GLU A 27 17.55 -21.51 -7.67
C GLU A 27 16.77 -22.50 -6.81
N LEU A 28 15.45 -22.52 -6.96
CA LEU A 28 14.65 -23.46 -6.17
C LEU A 28 14.81 -24.87 -6.75
N ALA A 29 14.73 -24.98 -8.07
CA ALA A 29 14.89 -26.26 -8.74
C ALA A 29 16.28 -26.78 -8.50
N SER A 30 17.26 -25.89 -8.62
CA SER A 30 18.65 -26.26 -8.43
C SER A 30 18.92 -26.75 -7.02
N LEU A 31 18.08 -26.32 -6.06
CA LEU A 31 18.22 -26.72 -4.67
C LEU A 31 17.35 -27.92 -4.32
N GLY A 32 16.79 -28.57 -5.35
CA GLY A 32 15.98 -29.76 -5.13
C GLY A 32 14.46 -29.69 -5.10
N ALA A 33 13.89 -28.52 -5.37
CA ALA A 33 12.42 -28.40 -5.33
C ALA A 33 11.72 -28.61 -6.68
N SER A 34 10.42 -28.88 -6.61
CA SER A 34 9.60 -29.08 -7.79
C SER A 34 8.84 -27.77 -7.97
N VAL A 35 9.06 -27.13 -9.11
CA VAL A 35 8.44 -25.86 -9.40
C VAL A 35 7.38 -25.86 -10.50
N TYR A 36 6.47 -24.90 -10.40
CA TYR A 36 5.39 -24.69 -11.36
C TYR A 36 5.39 -23.17 -11.59
N THR A 37 5.54 -22.75 -12.84
CA THR A 37 5.56 -21.33 -13.13
C THR A 37 4.53 -20.95 -14.19
N CYS A 38 4.44 -19.67 -14.48
CA CYS A 38 3.47 -19.18 -15.46
C CYS A 38 3.91 -17.85 -16.01
N SER A 39 3.40 -17.56 -17.20
CA SER A 39 3.70 -16.33 -17.91
C SER A 39 2.52 -16.18 -18.89
N ARG A 40 2.49 -15.07 -19.62
CA ARG A 40 1.40 -14.85 -20.57
C ARG A 40 1.76 -15.28 -21.98
N ASN A 41 2.87 -15.98 -22.14
CA ASN A 41 3.32 -16.43 -23.46
C ASN A 41 3.75 -17.90 -23.51
N GLN A 42 3.00 -18.71 -24.24
CA GLN A 42 3.28 -20.13 -24.38
C GLN A 42 4.69 -20.40 -24.92
N LYS A 43 4.99 -19.85 -26.09
CA LYS A 43 6.29 -20.05 -26.73
C LYS A 43 7.45 -19.81 -25.78
N GLU A 44 7.43 -18.64 -25.13
CA GLU A 44 8.48 -18.30 -24.17
C GLU A 44 8.60 -19.39 -23.13
N LEU A 45 7.48 -19.72 -22.51
CA LEU A 45 7.44 -20.75 -21.48
C LEU A 45 7.99 -22.07 -22.00
N ASN A 46 7.74 -22.38 -23.27
CA ASN A 46 8.22 -23.64 -23.81
C ASN A 46 9.73 -23.73 -24.01
N ASP A 47 10.38 -22.60 -24.24
CA ASP A 47 11.83 -22.60 -24.38
C ASP A 47 12.44 -22.78 -22.99
N CYS A 48 11.80 -22.19 -21.99
CA CYS A 48 12.26 -22.27 -20.59
C CYS A 48 12.24 -23.70 -20.10
N LEU A 49 11.09 -24.36 -20.28
CA LEU A 49 10.93 -25.75 -19.86
C LEU A 49 12.04 -26.58 -20.49
N THR A 50 12.37 -26.26 -21.72
CA THR A 50 13.43 -26.97 -22.42
C THR A 50 14.76 -26.69 -21.75
N GLN A 51 14.99 -25.43 -21.37
CA GLN A 51 16.25 -25.02 -20.74
C GLN A 51 16.39 -25.64 -19.35
N TRP A 52 15.31 -25.59 -18.58
CA TRP A 52 15.29 -26.11 -17.23
C TRP A 52 15.32 -27.64 -17.15
N ARG A 53 14.48 -28.28 -17.96
CA ARG A 53 14.44 -29.74 -17.98
C ARG A 53 15.74 -30.33 -18.49
N SER A 54 16.42 -29.59 -19.36
CA SER A 54 17.68 -30.05 -19.91
C SER A 54 18.72 -30.16 -18.81
N LYS A 55 18.63 -29.26 -17.83
CA LYS A 55 19.55 -29.23 -16.69
C LYS A 55 19.11 -30.17 -15.59
N GLY A 56 18.04 -30.91 -15.82
CA GLY A 56 17.57 -31.85 -14.82
C GLY A 56 16.62 -31.32 -13.77
N PHE A 57 16.13 -30.09 -13.96
CA PHE A 57 15.21 -29.48 -13.01
C PHE A 57 13.80 -30.02 -13.24
N LYS A 58 13.14 -30.45 -12.16
CA LYS A 58 11.76 -30.93 -12.25
C LYS A 58 10.94 -29.67 -12.38
N VAL A 59 10.22 -29.51 -13.49
CA VAL A 59 9.47 -28.29 -13.64
C VAL A 59 8.36 -28.34 -14.67
N GLU A 60 7.28 -27.64 -14.35
CA GLU A 60 6.10 -27.53 -15.20
C GLU A 60 5.68 -26.08 -15.30
N ALA A 61 4.92 -25.77 -16.33
CA ALA A 61 4.46 -24.41 -16.56
C ALA A 61 3.21 -24.38 -17.40
N SER A 62 2.37 -23.39 -17.15
CA SER A 62 1.16 -23.24 -17.90
C SER A 62 1.00 -21.74 -18.08
N VAL A 63 0.25 -21.35 -19.12
CA VAL A 63 0.00 -19.95 -19.44
C VAL A 63 -1.12 -19.40 -18.55
N CYS A 64 -1.00 -18.14 -18.14
CA CYS A 64 -2.03 -17.56 -17.29
C CYS A 64 -1.86 -16.06 -17.15
N ASP A 65 -2.94 -15.33 -17.31
CA ASP A 65 -2.90 -13.87 -17.19
C ASP A 65 -3.33 -13.54 -15.76
N LEU A 66 -2.36 -13.31 -14.89
CA LEU A 66 -2.66 -13.03 -13.50
C LEU A 66 -3.65 -11.90 -13.26
N SER A 67 -3.91 -11.10 -14.28
CA SER A 67 -4.84 -10.00 -14.12
C SER A 67 -6.25 -10.47 -14.42
N SER A 68 -6.54 -11.72 -14.07
CA SER A 68 -7.86 -12.32 -14.32
C SER A 68 -8.27 -13.32 -13.24
N ARG A 69 -9.25 -12.93 -12.42
CA ARG A 69 -9.75 -13.76 -11.33
C ARG A 69 -9.96 -15.23 -11.71
N SER A 70 -10.65 -15.45 -12.81
CA SER A 70 -10.95 -16.79 -13.30
C SER A 70 -9.69 -17.57 -13.71
N GLU A 71 -8.80 -16.91 -14.44
CA GLU A 71 -7.56 -17.54 -14.86
C GLU A 71 -6.73 -17.89 -13.63
N ARG A 72 -6.84 -17.05 -12.61
CA ARG A 72 -6.10 -17.27 -11.36
C ARG A 72 -6.60 -18.52 -10.64
N GLN A 73 -7.91 -18.72 -10.58
CA GLN A 73 -8.46 -19.90 -9.90
C GLN A 73 -8.11 -21.11 -10.74
N GLU A 74 -8.07 -20.89 -12.06
CA GLU A 74 -7.74 -21.94 -13.01
C GLU A 74 -6.34 -22.47 -12.73
N LEU A 75 -5.40 -21.55 -12.53
CA LEU A 75 -4.00 -21.89 -12.28
C LEU A 75 -3.78 -22.57 -10.94
N MET A 76 -4.57 -22.20 -9.93
CA MET A 76 -4.41 -22.80 -8.62
C MET A 76 -5.02 -24.19 -8.60
N ASN A 77 -6.03 -24.37 -9.44
CA ASN A 77 -6.68 -25.66 -9.54
C ASN A 77 -5.71 -26.66 -10.16
N THR A 78 -4.98 -26.18 -11.16
CA THR A 78 -3.99 -26.97 -11.88
C THR A 78 -2.76 -27.26 -11.01
N VAL A 79 -2.26 -26.22 -10.33
CA VAL A 79 -1.11 -26.36 -9.45
C VAL A 79 -1.46 -27.43 -8.42
N ALA A 80 -2.54 -27.18 -7.67
CA ALA A 80 -3.02 -28.10 -6.64
C ALA A 80 -3.16 -29.56 -7.12
N ASN A 81 -3.55 -29.76 -8.38
CA ASN A 81 -3.68 -31.10 -8.90
C ASN A 81 -2.33 -31.65 -9.26
N HIS A 82 -1.48 -30.80 -9.80
CA HIS A 82 -0.15 -31.21 -10.19
C HIS A 82 0.65 -31.65 -8.95
N PHE A 83 0.41 -30.99 -7.83
CA PHE A 83 1.15 -31.29 -6.60
C PHE A 83 0.38 -32.12 -5.57
N HIS A 84 -0.80 -32.61 -5.95
CA HIS A 84 -1.64 -33.43 -5.09
C HIS A 84 -2.15 -32.73 -3.84
N GLY A 85 -2.47 -31.45 -3.95
CA GLY A 85 -2.98 -30.70 -2.82
C GLY A 85 -1.98 -30.30 -1.74
N LYS A 86 -0.71 -30.21 -2.10
CA LYS A 86 0.33 -29.82 -1.16
C LYS A 86 1.25 -28.78 -1.79
N LEU A 87 1.34 -27.63 -1.15
CA LEU A 87 2.18 -26.58 -1.68
C LEU A 87 2.99 -26.00 -0.56
N ASN A 88 4.31 -26.09 -0.69
CA ASN A 88 5.23 -25.58 0.31
C ASN A 88 5.55 -24.11 0.09
N ILE A 89 5.87 -23.78 -1.15
CA ILE A 89 6.27 -22.42 -1.49
C ILE A 89 5.44 -21.69 -2.53
N LEU A 90 5.15 -20.42 -2.25
CA LEU A 90 4.43 -19.55 -3.19
C LEU A 90 5.21 -18.25 -3.27
N VAL A 91 5.78 -17.96 -4.43
CA VAL A 91 6.55 -16.74 -4.65
C VAL A 91 5.73 -15.88 -5.62
N ASN A 92 5.20 -14.77 -5.11
CA ASN A 92 4.42 -13.85 -5.93
C ASN A 92 5.36 -12.85 -6.57
N ASN A 93 5.97 -13.28 -7.68
CA ASN A 93 6.95 -12.50 -8.41
C ASN A 93 6.43 -11.62 -9.55
N ALA A 94 5.29 -11.96 -10.14
CA ALA A 94 4.80 -11.18 -11.27
C ALA A 94 4.48 -9.70 -10.98
N GLY A 95 4.80 -8.86 -11.95
CA GLY A 95 4.53 -7.44 -11.83
C GLY A 95 4.84 -6.66 -13.10
N ILE A 96 4.25 -5.48 -13.19
CA ILE A 96 4.45 -4.57 -14.32
C ILE A 96 4.60 -3.12 -13.82
N VAL A 97 5.02 -2.24 -14.72
CA VAL A 97 5.21 -0.83 -14.40
C VAL A 97 4.77 0.05 -15.56
N ILE A 98 4.12 1.16 -15.22
CA ILE A 98 3.69 2.15 -16.20
C ILE A 98 4.27 3.45 -15.67
N TYR A 99 5.32 3.90 -16.35
CA TYR A 99 6.07 5.07 -15.96
C TYR A 99 5.44 6.42 -16.20
N LYS A 100 4.42 6.73 -15.42
CA LYS A 100 3.76 8.01 -15.55
C LYS A 100 3.70 8.68 -14.21
N GLU A 101 3.55 9.99 -14.24
CA GLU A 101 3.41 10.76 -13.02
C GLU A 101 2.02 10.33 -12.54
N ALA A 102 1.77 10.49 -11.25
CA ALA A 102 0.49 10.09 -10.68
C ALA A 102 -0.70 10.76 -11.35
N LYS A 103 -0.57 12.05 -11.65
CA LYS A 103 -1.68 12.78 -12.24
C LYS A 103 -1.94 12.43 -13.70
N ASP A 104 -0.96 11.84 -14.37
CA ASP A 104 -1.12 11.48 -15.78
C ASP A 104 -1.67 10.08 -16.01
N TYR A 105 -1.72 9.28 -14.94
CA TYR A 105 -2.23 7.92 -15.02
C TYR A 105 -3.71 7.91 -15.40
N THR A 106 -4.06 7.08 -16.38
CA THR A 106 -5.45 6.95 -16.81
C THR A 106 -6.07 5.88 -15.92
N VAL A 107 -7.39 5.83 -15.89
CA VAL A 107 -8.07 4.83 -15.08
C VAL A 107 -7.76 3.40 -15.54
N GLU A 108 -7.62 3.23 -16.85
CA GLU A 108 -7.31 1.93 -17.42
C GLU A 108 -5.92 1.52 -16.92
N ASP A 109 -5.04 2.51 -16.85
CA ASP A 109 -3.68 2.30 -16.40
C ASP A 109 -3.71 1.86 -14.94
N TYR A 110 -4.45 2.60 -14.13
CA TYR A 110 -4.56 2.28 -12.71
C TYR A 110 -5.11 0.89 -12.51
N SER A 111 -6.16 0.56 -13.23
CA SER A 111 -6.77 -0.75 -13.10
C SER A 111 -5.74 -1.83 -13.42
N LEU A 112 -4.97 -1.64 -14.48
CA LEU A 112 -3.98 -2.63 -14.87
C LEU A 112 -2.93 -2.93 -13.81
N ILE A 113 -2.19 -1.91 -13.37
CA ILE A 113 -1.14 -2.10 -12.37
C ILE A 113 -1.62 -2.64 -11.02
N MET A 114 -2.73 -2.12 -10.52
CA MET A 114 -3.24 -2.56 -9.24
C MET A 114 -3.63 -4.02 -9.28
N SER A 115 -4.30 -4.41 -10.35
CA SER A 115 -4.78 -5.77 -10.53
C SER A 115 -3.67 -6.81 -10.61
N ILE A 116 -2.63 -6.53 -11.38
CA ILE A 116 -1.53 -7.47 -11.51
C ILE A 116 -0.58 -7.40 -10.32
N ASN A 117 -0.20 -6.19 -9.92
CA ASN A 117 0.73 -6.01 -8.80
C ASN A 117 0.28 -6.36 -7.38
N PHE A 118 -0.95 -6.00 -7.01
CA PHE A 118 -1.44 -6.29 -5.67
C PHE A 118 -2.64 -7.23 -5.60
N GLU A 119 -3.51 -7.19 -6.60
CA GLU A 119 -4.68 -8.05 -6.56
C GLU A 119 -4.35 -9.51 -6.75
N ALA A 120 -3.70 -9.85 -7.87
CA ALA A 120 -3.38 -11.25 -8.11
C ALA A 120 -2.48 -11.86 -7.03
N ALA A 121 -1.59 -11.06 -6.45
CA ALA A 121 -0.69 -11.55 -5.39
C ALA A 121 -1.50 -11.88 -4.16
N TYR A 122 -2.38 -10.96 -3.80
CA TYR A 122 -3.26 -11.11 -2.65
C TYR A 122 -4.19 -12.31 -2.83
N HIS A 123 -4.86 -12.34 -3.98
CA HIS A 123 -5.82 -13.38 -4.35
C HIS A 123 -5.18 -14.77 -4.46
N LEU A 124 -3.96 -14.85 -5.00
CA LEU A 124 -3.27 -16.12 -5.15
C LEU A 124 -2.82 -16.68 -3.80
N SER A 125 -2.40 -15.81 -2.91
CA SER A 125 -1.96 -16.25 -1.60
C SER A 125 -3.14 -16.92 -0.90
N VAL A 126 -4.32 -16.35 -1.09
CA VAL A 126 -5.52 -16.89 -0.46
C VAL A 126 -5.92 -18.27 -1.03
N LEU A 127 -6.03 -18.38 -2.35
CA LEU A 127 -6.39 -19.63 -2.99
C LEU A 127 -5.38 -20.72 -2.65
N ALA A 128 -4.16 -20.30 -2.33
CA ALA A 128 -3.10 -21.22 -2.00
C ALA A 128 -3.13 -21.66 -0.54
N HIS A 129 -3.66 -20.81 0.33
CA HIS A 129 -3.71 -21.10 1.76
C HIS A 129 -3.92 -22.57 2.16
N PRO A 130 -4.96 -23.24 1.62
CA PRO A 130 -5.23 -24.64 1.96
C PRO A 130 -4.14 -25.64 1.57
N PHE A 131 -3.46 -25.38 0.45
CA PHE A 131 -2.39 -26.26 -0.01
C PHE A 131 -1.10 -26.00 0.73
N LEU A 132 -0.92 -24.77 1.18
CA LEU A 132 0.24 -24.38 1.95
C LEU A 132 0.05 -25.00 3.32
N LYS A 133 -1.18 -24.91 3.81
CA LYS A 133 -1.56 -25.46 5.10
C LYS A 133 -1.48 -26.99 5.07
N ALA A 134 -2.02 -27.58 4.01
CA ALA A 134 -2.00 -29.04 3.86
C ALA A 134 -0.56 -29.53 3.83
N SER A 135 0.30 -28.72 3.22
CA SER A 135 1.72 -29.04 3.07
C SER A 135 2.44 -29.20 4.40
N GLU A 136 1.83 -28.66 5.46
CA GLU A 136 2.39 -28.73 6.81
C GLU A 136 3.58 -27.81 7.09
N ARG A 137 4.22 -27.29 6.04
CA ARG A 137 5.36 -26.38 6.22
C ARG A 137 5.34 -25.32 5.14
N GLY A 138 4.43 -24.35 5.30
CA GLY A 138 4.28 -23.28 4.32
C GLY A 138 5.19 -22.08 4.37
N ASN A 139 5.37 -21.48 3.19
CA ASN A 139 6.21 -20.30 3.04
C ASN A 139 5.77 -19.47 1.85
N VAL A 140 5.30 -18.27 2.13
CA VAL A 140 4.87 -17.34 1.10
C VAL A 140 5.88 -16.19 1.03
N VAL A 141 6.36 -15.89 -0.17
CA VAL A 141 7.32 -14.81 -0.34
C VAL A 141 6.82 -13.86 -1.43
N PHE A 142 6.68 -12.58 -1.07
CA PHE A 142 6.22 -11.52 -1.98
C PHE A 142 7.39 -10.68 -2.46
N ILE A 143 7.57 -10.58 -3.77
CA ILE A 143 8.65 -9.75 -4.31
C ILE A 143 8.12 -8.31 -4.34
N SER A 144 8.58 -7.48 -3.40
CA SER A 144 8.16 -6.09 -3.31
C SER A 144 9.09 -5.20 -4.14
N SER A 145 9.60 -4.14 -3.52
CA SER A 145 10.49 -3.22 -4.23
C SER A 145 10.91 -2.07 -3.33
N VAL A 146 12.05 -1.47 -3.62
CA VAL A 146 12.51 -0.34 -2.82
C VAL A 146 11.54 0.81 -3.02
N SER A 147 10.99 0.92 -4.23
CA SER A 147 10.05 1.99 -4.59
C SER A 147 8.74 1.86 -3.80
N GLY A 148 8.65 0.81 -3.01
CA GLY A 148 7.46 0.63 -2.20
C GLY A 148 7.63 1.34 -0.87
N ALA A 149 8.81 1.91 -0.63
CA ALA A 149 9.08 2.61 0.63
C ALA A 149 9.68 3.98 0.41
N LEU A 150 10.24 4.21 -0.76
CA LEU A 150 10.86 5.49 -1.07
C LEU A 150 10.48 6.03 -2.44
N ALA A 151 10.33 7.35 -2.52
CA ALA A 151 9.96 8.00 -3.77
C ALA A 151 11.00 7.82 -4.86
N VAL A 152 10.56 7.34 -6.02
CA VAL A 152 11.40 7.16 -7.22
C VAL A 152 10.60 7.75 -8.39
N PRO A 153 11.27 8.40 -9.34
CA PRO A 153 10.58 9.01 -10.50
C PRO A 153 9.73 8.08 -11.39
N TYR A 154 8.43 8.37 -11.47
CA TYR A 154 7.47 7.60 -12.27
C TYR A 154 6.98 6.34 -11.60
N GLU A 155 7.23 6.22 -10.29
CA GLU A 155 6.81 5.03 -9.58
C GLU A 155 5.93 5.34 -8.39
N ALA A 156 5.17 6.43 -8.50
CA ALA A 156 4.26 6.86 -7.46
C ALA A 156 3.17 5.80 -7.27
N VAL A 157 2.57 5.38 -8.38
CA VAL A 157 1.50 4.39 -8.32
C VAL A 157 2.03 2.96 -8.29
N TYR A 158 3.17 2.74 -8.93
CA TYR A 158 3.78 1.42 -8.92
C TYR A 158 4.13 1.17 -7.46
N GLY A 159 4.75 2.18 -6.86
CA GLY A 159 5.15 2.13 -5.47
C GLY A 159 4.00 2.02 -4.47
N ALA A 160 2.78 2.33 -4.88
CA ALA A 160 1.66 2.21 -3.97
C ALA A 160 1.24 0.73 -3.89
N THR A 161 1.24 0.07 -5.04
CA THR A 161 0.88 -1.35 -5.08
C THR A 161 1.84 -2.19 -4.23
N LYS A 162 3.10 -1.76 -4.16
CA LYS A 162 4.11 -2.47 -3.39
C LYS A 162 4.00 -2.09 -1.92
N GLY A 163 3.64 -0.85 -1.65
CA GLY A 163 3.46 -0.44 -0.27
C GLY A 163 2.33 -1.24 0.33
N ALA A 164 1.28 -1.48 -0.46
CA ALA A 164 0.11 -2.24 -0.02
C ALA A 164 0.52 -3.68 0.26
N MET A 165 1.26 -4.25 -0.68
CA MET A 165 1.76 -5.61 -0.58
C MET A 165 2.60 -5.86 0.68
N ASP A 166 3.43 -4.87 1.04
CA ASP A 166 4.29 -4.99 2.22
C ASP A 166 3.51 -5.13 3.51
N GLN A 167 2.43 -4.36 3.61
CA GLN A 167 1.57 -4.37 4.79
C GLN A 167 0.80 -5.67 4.87
N LEU A 168 0.45 -6.22 3.71
CA LEU A 168 -0.28 -7.49 3.68
C LEU A 168 0.66 -8.64 4.11
N THR A 169 1.96 -8.44 3.90
CA THR A 169 2.94 -9.44 4.26
C THR A 169 2.98 -9.56 5.78
N ARG A 170 3.06 -8.43 6.47
CA ARG A 170 3.11 -8.39 7.93
C ARG A 170 1.88 -8.96 8.63
N CYS A 171 0.70 -8.73 8.08
CA CYS A 171 -0.52 -9.25 8.71
C CYS A 171 -0.68 -10.75 8.47
N LEU A 172 -0.42 -11.20 7.24
CA LEU A 172 -0.54 -12.63 6.93
C LEU A 172 0.38 -13.43 7.86
N ALA A 173 1.60 -12.94 8.05
CA ALA A 173 2.55 -13.61 8.92
C ALA A 173 1.95 -13.82 10.31
N PHE A 174 0.91 -13.03 10.63
CA PHE A 174 0.27 -13.15 11.93
C PHE A 174 -1.01 -13.97 11.86
N GLU A 175 -1.75 -13.80 10.76
CA GLU A 175 -2.98 -14.53 10.57
C GLU A 175 -2.74 -16.00 10.22
N TRP A 176 -1.66 -16.28 9.50
CA TRP A 176 -1.39 -17.64 9.06
C TRP A 176 -0.36 -18.40 9.88
N ALA A 177 0.23 -17.74 10.87
CA ALA A 177 1.24 -18.37 11.72
C ALA A 177 0.79 -19.71 12.29
N LYS A 178 -0.45 -19.78 12.79
CA LYS A 178 -0.99 -21.00 13.36
C LYS A 178 -1.13 -22.13 12.34
N ASP A 179 -1.23 -21.77 11.05
CA ASP A 179 -1.37 -22.74 9.96
C ASP A 179 0.02 -23.22 9.55
N ASN A 180 1.02 -22.77 10.31
CA ASN A 180 2.42 -23.12 10.08
C ASN A 180 2.96 -22.58 8.76
N ILE A 181 2.54 -21.37 8.41
CA ILE A 181 2.96 -20.70 7.18
C ILE A 181 3.81 -19.48 7.58
N ARG A 182 4.92 -19.25 6.89
CA ARG A 182 5.78 -18.11 7.17
C ARG A 182 5.59 -17.16 6.00
N VAL A 183 5.43 -15.86 6.27
CA VAL A 183 5.20 -14.89 5.21
C VAL A 183 6.23 -13.76 5.21
N ASN A 184 6.97 -13.63 4.12
CA ASN A 184 7.98 -12.59 4.01
C ASN A 184 7.98 -11.90 2.66
N GLY A 185 8.75 -10.81 2.59
CA GLY A 185 8.87 -10.07 1.37
C GLY A 185 10.33 -9.81 1.10
N VAL A 186 10.67 -9.62 -0.17
CA VAL A 186 12.04 -9.33 -0.57
C VAL A 186 11.92 -8.16 -1.53
N GLY A 187 12.45 -7.01 -1.11
CA GLY A 187 12.37 -5.85 -1.95
C GLY A 187 13.59 -5.67 -2.80
N PRO A 188 13.51 -5.95 -4.11
CA PRO A 188 14.69 -5.77 -4.96
C PRO A 188 15.09 -4.31 -5.10
N GLY A 189 16.33 -4.06 -5.46
CA GLY A 189 16.80 -2.70 -5.68
C GLY A 189 16.69 -2.49 -7.18
N VAL A 190 17.83 -2.51 -7.87
CA VAL A 190 17.88 -2.38 -9.32
C VAL A 190 18.51 -3.69 -9.79
N ILE A 191 17.70 -4.55 -10.42
CA ILE A 191 18.16 -5.86 -10.88
C ILE A 191 18.19 -5.91 -12.40
N ALA A 192 19.26 -6.44 -12.96
CA ALA A 192 19.40 -6.50 -14.41
C ALA A 192 18.45 -7.53 -15.03
N THR A 193 17.24 -7.07 -15.35
CA THR A 193 16.22 -7.92 -15.95
C THR A 193 15.70 -7.29 -17.24
N SER A 194 14.82 -8.02 -17.94
CA SER A 194 14.24 -7.57 -19.20
C SER A 194 13.40 -6.32 -18.98
N LEU A 195 12.94 -6.15 -17.74
CA LEU A 195 12.14 -5.00 -17.38
C LEU A 195 13.08 -3.77 -17.40
N VAL A 196 14.33 -3.99 -17.04
CA VAL A 196 15.31 -2.91 -17.01
C VAL A 196 15.91 -2.57 -18.37
N GLU A 197 16.08 -3.57 -19.24
CA GLU A 197 16.66 -3.34 -20.56
C GLU A 197 15.72 -2.42 -21.33
N MET A 198 14.43 -2.72 -21.18
CA MET A 198 13.35 -1.98 -21.82
C MET A 198 13.40 -0.53 -21.36
N THR A 199 13.50 -0.36 -20.06
CA THR A 199 13.54 0.96 -19.46
C THR A 199 14.70 1.83 -19.94
N ILE A 200 15.92 1.34 -19.79
CA ILE A 200 17.08 2.11 -20.19
C ILE A 200 17.21 2.39 -21.68
N GLN A 201 16.14 2.16 -22.41
CA GLN A 201 16.17 2.45 -23.83
C GLN A 201 15.87 3.94 -23.99
N ASP A 202 15.02 4.49 -23.11
CA ASP A 202 14.69 5.92 -23.15
C ASP A 202 15.72 6.71 -22.34
N PRO A 203 16.44 7.62 -23.01
CA PRO A 203 17.48 8.50 -22.46
C PRO A 203 17.25 9.08 -21.08
N GLU A 204 16.04 9.54 -20.80
CA GLU A 204 15.78 10.13 -19.49
C GLU A 204 15.69 9.04 -18.43
N GLN A 205 15.09 7.91 -18.80
CA GLN A 205 14.96 6.82 -17.86
C GLN A 205 16.33 6.17 -17.64
N LYS A 206 17.16 6.20 -18.68
CA LYS A 206 18.50 5.64 -18.61
C LYS A 206 19.29 6.48 -17.61
N GLU A 207 18.98 7.77 -17.59
CA GLU A 207 19.63 8.71 -16.70
C GLU A 207 19.16 8.48 -15.26
N ASN A 208 17.87 8.21 -15.09
CA ASN A 208 17.33 7.95 -13.76
C ASN A 208 17.93 6.68 -13.16
N LEU A 209 17.94 5.59 -13.91
CA LEU A 209 18.51 4.35 -13.41
C LEU A 209 19.95 4.56 -12.95
N ASN A 210 20.72 5.27 -13.76
CA ASN A 210 22.10 5.54 -13.42
C ASN A 210 22.19 6.28 -12.09
N LYS A 211 21.13 7.03 -11.74
CA LYS A 211 21.14 7.75 -10.48
C LYS A 211 21.03 6.73 -9.37
N LEU A 212 20.12 5.79 -9.54
CA LEU A 212 19.90 4.74 -8.55
C LEU A 212 21.17 3.94 -8.30
N ILE A 213 21.66 3.31 -9.36
CA ILE A 213 22.88 2.50 -9.30
C ILE A 213 24.02 3.27 -8.67
N ASP A 214 24.07 4.56 -8.95
CA ASP A 214 25.11 5.42 -8.42
C ASP A 214 24.90 5.65 -6.93
N ARG A 215 23.72 5.30 -6.44
CA ARG A 215 23.38 5.50 -5.04
C ARG A 215 23.46 4.28 -4.13
N CYS A 216 24.01 3.17 -4.60
CA CYS A 216 24.12 2.02 -3.71
C CYS A 216 25.61 1.83 -3.44
N ALA A 217 25.92 1.30 -2.27
CA ALA A 217 27.30 1.07 -1.88
C ALA A 217 28.10 0.32 -2.93
N LEU A 218 27.51 -0.76 -3.45
CA LEU A 218 28.18 -1.58 -4.44
C LEU A 218 28.20 -0.99 -5.84
N ARG A 219 27.49 0.12 -6.02
CA ARG A 219 27.44 0.81 -7.30
C ARG A 219 27.38 -0.09 -8.54
N ARG A 220 26.36 -0.94 -8.58
CA ARG A 220 26.19 -1.85 -9.71
C ARG A 220 24.84 -2.53 -9.58
N MET A 221 24.27 -2.93 -10.71
CA MET A 221 22.98 -3.61 -10.70
C MET A 221 23.16 -5.01 -10.14
N GLY A 222 22.15 -5.48 -9.42
CA GLY A 222 22.24 -6.81 -8.88
C GLY A 222 21.95 -7.75 -10.03
N GLU A 223 22.18 -9.03 -9.83
CA GLU A 223 21.89 -10.00 -10.86
C GLU A 223 20.69 -10.81 -10.40
N PRO A 224 19.93 -11.37 -11.35
CA PRO A 224 18.75 -12.17 -10.97
C PRO A 224 19.08 -13.26 -9.95
N LYS A 225 20.25 -13.87 -10.08
CA LYS A 225 20.64 -14.95 -9.16
C LYS A 225 21.01 -14.40 -7.81
N GLU A 226 21.10 -13.08 -7.70
CA GLU A 226 21.43 -12.45 -6.43
C GLU A 226 20.16 -12.19 -5.62
N LEU A 227 19.06 -11.91 -6.32
CA LEU A 227 17.78 -11.67 -5.66
C LEU A 227 17.16 -13.03 -5.29
N ALA A 228 17.36 -14.01 -6.17
CA ALA A 228 16.80 -15.33 -5.98
C ALA A 228 17.37 -16.06 -4.77
N ALA A 229 18.66 -15.84 -4.50
CA ALA A 229 19.35 -16.47 -3.37
C ALA A 229 18.74 -16.12 -2.02
N MET A 230 18.08 -14.97 -1.94
CA MET A 230 17.48 -14.57 -0.67
C MET A 230 16.09 -15.20 -0.56
N VAL A 231 15.42 -15.39 -1.69
CA VAL A 231 14.09 -16.00 -1.70
C VAL A 231 14.24 -17.45 -1.25
N ALA A 232 15.22 -18.14 -1.82
CA ALA A 232 15.47 -19.54 -1.49
C ALA A 232 15.84 -19.75 -0.02
N PHE A 233 16.63 -18.85 0.55
CA PHE A 233 17.03 -19.00 1.95
C PHE A 233 15.83 -19.00 2.89
N LEU A 234 14.93 -18.03 2.69
CA LEU A 234 13.72 -17.87 3.51
C LEU A 234 12.80 -19.06 3.41
N CYS A 235 13.01 -19.90 2.40
CA CYS A 235 12.19 -21.11 2.24
C CYS A 235 12.88 -22.29 2.95
N PHE A 236 14.16 -22.13 3.26
CA PHE A 236 14.90 -23.17 3.96
C PHE A 236 14.34 -23.38 5.35
N PRO A 237 14.40 -24.62 5.84
CA PRO A 237 13.89 -24.87 7.20
C PRO A 237 14.81 -24.13 8.16
N ALA A 238 15.98 -23.72 7.66
CA ALA A 238 16.96 -22.99 8.46
C ALA A 238 16.43 -21.62 8.86
N ALA A 239 15.55 -21.05 8.05
CA ALA A 239 15.01 -19.73 8.36
C ALA A 239 13.62 -19.89 8.96
N SER A 240 13.49 -20.87 9.85
CA SER A 240 12.21 -21.16 10.50
C SER A 240 11.73 -20.11 11.50
N TYR A 241 12.61 -19.19 11.89
CA TYR A 241 12.25 -18.13 12.83
C TYR A 241 12.02 -16.78 12.15
N VAL A 242 12.18 -16.74 10.84
CA VAL A 242 11.99 -15.51 10.09
C VAL A 242 10.60 -15.44 9.46
N THR A 243 9.79 -14.52 9.99
CA THR A 243 8.42 -14.34 9.50
C THR A 243 8.01 -12.87 9.65
N GLY A 244 7.26 -12.38 8.66
CA GLY A 244 6.76 -11.01 8.69
C GLY A 244 7.77 -9.92 8.40
N GLN A 245 8.84 -10.26 7.69
CA GLN A 245 9.89 -9.29 7.36
C GLN A 245 9.94 -8.85 5.89
N ILE A 246 10.42 -7.64 5.66
CA ILE A 246 10.58 -7.12 4.31
C ILE A 246 12.09 -6.91 4.25
N ILE A 247 12.79 -7.74 3.49
CA ILE A 247 14.23 -7.64 3.40
C ILE A 247 14.65 -7.13 2.05
N TYR A 248 15.53 -6.13 2.04
CA TYR A 248 15.97 -5.55 0.78
C TYR A 248 17.32 -6.07 0.29
N VAL A 249 17.35 -6.48 -0.96
CA VAL A 249 18.57 -6.96 -1.62
C VAL A 249 18.81 -5.84 -2.63
N ASP A 250 19.47 -4.77 -2.16
CA ASP A 250 19.70 -3.58 -2.98
C ASP A 250 21.11 -2.96 -2.98
N GLY A 251 22.15 -3.72 -2.69
CA GLY A 251 23.49 -3.15 -2.68
C GLY A 251 23.65 -1.96 -1.76
N GLY A 252 22.83 -1.86 -0.72
CA GLY A 252 22.92 -0.75 0.22
C GLY A 252 22.06 0.47 -0.08
N LEU A 253 21.27 0.38 -1.14
CA LEU A 253 20.42 1.48 -1.58
C LEU A 253 19.49 2.06 -0.51
N MET A 254 18.97 1.21 0.36
CA MET A 254 18.06 1.65 1.41
C MET A 254 18.74 2.21 2.66
N ALA A 255 20.07 2.24 2.69
CA ALA A 255 20.77 2.77 3.86
C ALA A 255 21.39 4.12 3.56
N ASN A 256 21.48 4.44 2.27
CA ASN A 256 22.07 5.70 1.81
C ASN A 256 21.18 6.92 1.90
N CYS A 257 21.80 8.08 2.05
CA CYS A 257 21.10 9.36 2.10
C CYS A 257 21.96 10.37 1.34
N GLY A 258 23.20 10.54 1.78
CA GLY A 258 24.08 11.49 1.13
C GLY A 258 25.29 10.94 0.42
N PHE A 259 25.28 9.67 0.07
CA PHE A 259 26.39 9.04 -0.65
C PHE A 259 26.04 8.91 -2.13
N ALA B 1 -2.57 34.50 5.28
CA ALA B 1 -2.54 33.68 6.53
C ALA B 1 -1.25 33.92 7.31
N GLY B 2 -1.36 33.94 8.63
CA GLY B 2 -0.20 34.16 9.48
C GLY B 2 0.61 32.90 9.76
N ARG B 3 1.78 33.09 10.35
CA ARG B 3 2.65 31.97 10.65
C ARG B 3 2.01 30.83 11.44
N TRP B 4 1.19 31.16 12.44
CA TRP B 4 0.54 30.13 13.26
C TRP B 4 -1.00 30.09 13.16
N ASN B 5 -1.53 30.44 11.99
CA ASN B 5 -2.97 30.36 11.80
C ASN B 5 -3.30 30.26 10.32
N LEU B 6 -4.50 29.79 10.01
CA LEU B 6 -4.91 29.63 8.63
C LEU B 6 -5.93 30.69 8.22
N GLU B 7 -5.85 31.84 8.88
CA GLU B 7 -6.75 32.94 8.59
C GLU B 7 -6.79 33.23 7.11
N GLY B 8 -7.93 33.01 6.49
CA GLY B 8 -8.09 33.28 5.08
C GLY B 8 -7.83 32.14 4.10
N CYS B 9 -7.40 30.98 4.59
CA CYS B 9 -7.12 29.86 3.70
C CYS B 9 -8.36 29.03 3.41
N THR B 10 -8.45 28.46 2.21
CA THR B 10 -9.59 27.63 1.82
C THR B 10 -9.23 26.16 2.01
N ALA B 11 -10.13 25.36 2.59
CA ALA B 11 -9.85 23.95 2.84
C ALA B 11 -11.00 22.99 2.43
N LEU B 12 -10.65 21.75 2.10
CA LEU B 12 -11.66 20.74 1.74
C LEU B 12 -11.36 19.46 2.53
N VAL B 13 -12.27 19.11 3.43
CA VAL B 13 -12.12 17.92 4.28
C VAL B 13 -13.19 16.86 4.00
N THR B 14 -12.75 15.69 3.55
CA THR B 14 -13.67 14.60 3.25
C THR B 14 -14.11 13.82 4.50
N GLY B 15 -15.37 13.40 4.51
CA GLY B 15 -15.92 12.66 5.64
C GLY B 15 -15.91 13.47 6.92
N GLY B 16 -16.57 14.62 6.91
CA GLY B 16 -16.57 15.45 8.10
C GLY B 16 -17.82 15.44 8.94
N SER B 17 -18.73 14.49 8.72
CA SER B 17 -19.96 14.42 9.51
C SER B 17 -19.73 13.87 10.91
N ARG B 18 -18.63 13.15 11.13
CA ARG B 18 -18.33 12.63 12.47
C ARG B 18 -16.89 12.20 12.68
N GLY B 19 -16.54 12.01 13.94
CA GLY B 19 -15.20 11.55 14.30
C GLY B 19 -14.06 12.51 14.09
N ILE B 20 -12.95 12.00 13.55
CA ILE B 20 -11.76 12.80 13.31
C ILE B 20 -12.05 13.85 12.25
N GLY B 21 -12.79 13.46 11.22
CA GLY B 21 -13.11 14.41 10.16
C GLY B 21 -13.80 15.61 10.76
N TYR B 22 -14.75 15.36 11.66
CA TYR B 22 -15.49 16.43 12.33
C TYR B 22 -14.60 17.31 13.20
N GLY B 23 -13.55 16.72 13.76
CA GLY B 23 -12.62 17.46 14.61
C GLY B 23 -11.67 18.28 13.75
N ILE B 24 -11.35 17.76 12.59
CA ILE B 24 -10.44 18.41 11.65
C ILE B 24 -11.10 19.65 11.04
N VAL B 25 -12.41 19.55 10.80
CA VAL B 25 -13.19 20.64 10.23
C VAL B 25 -13.35 21.78 11.24
N GLU B 26 -13.54 21.42 12.50
CA GLU B 26 -13.70 22.41 13.56
C GLU B 26 -12.39 23.08 13.90
N GLU B 27 -11.33 22.30 13.97
CA GLU B 27 -10.01 22.83 14.31
C GLU B 27 -9.57 23.82 13.24
N LEU B 28 -9.64 23.41 11.98
CA LEU B 28 -9.24 24.27 10.86
C LEU B 28 -10.09 25.52 10.72
N ALA B 29 -11.39 25.37 10.96
CA ALA B 29 -12.32 26.50 10.83
C ALA B 29 -12.07 27.51 11.90
N SER B 30 -11.75 27.03 13.10
CA SER B 30 -11.48 27.89 14.24
C SER B 30 -10.14 28.62 14.17
N LEU B 31 -9.30 28.26 13.20
CA LEU B 31 -8.00 28.91 13.08
C LEU B 31 -8.00 29.93 11.93
N GLY B 32 -9.16 30.10 11.30
CA GLY B 32 -9.28 31.05 10.22
C GLY B 32 -9.68 30.46 8.88
N ALA B 33 -9.52 29.15 8.74
CA ALA B 33 -9.85 28.51 7.48
C ALA B 33 -11.33 28.47 7.16
N SER B 34 -11.59 28.57 5.86
CA SER B 34 -12.94 28.50 5.29
C SER B 34 -12.98 27.02 4.87
N VAL B 35 -13.97 26.27 5.34
CA VAL B 35 -14.03 24.85 5.01
C VAL B 35 -15.19 24.31 4.17
N TYR B 36 -14.94 23.20 3.50
CA TYR B 36 -15.95 22.53 2.70
C TYR B 36 -15.77 21.06 3.08
N THR B 37 -16.87 20.41 3.41
CA THR B 37 -16.82 19.01 3.80
C THR B 37 -17.89 18.19 3.06
N CYS B 38 -17.87 16.88 3.24
CA CYS B 38 -18.85 16.03 2.59
C CYS B 38 -19.03 14.73 3.35
N SER B 39 -20.21 14.13 3.21
CA SER B 39 -20.52 12.87 3.85
C SER B 39 -21.59 12.28 2.93
N ARG B 40 -21.98 11.04 3.18
CA ARG B 40 -22.98 10.39 2.34
C ARG B 40 -24.42 10.69 2.74
N ASN B 41 -24.61 11.52 3.77
CA ASN B 41 -25.93 11.86 4.28
C ASN B 41 -26.13 13.36 4.47
N GLN B 42 -27.21 13.90 3.87
CA GLN B 42 -27.49 15.34 3.95
C GLN B 42 -28.04 15.81 5.29
N LYS B 43 -29.01 15.10 5.85
CA LYS B 43 -29.56 15.50 7.13
C LYS B 43 -28.40 15.66 8.12
N GLU B 44 -27.55 14.65 8.20
CA GLU B 44 -26.40 14.68 9.10
C GLU B 44 -25.50 15.88 8.83
N LEU B 45 -25.18 16.09 7.55
CA LEU B 45 -24.34 17.21 7.15
C LEU B 45 -24.95 18.54 7.60
N ASN B 46 -26.27 18.65 7.45
CA ASN B 46 -26.97 19.87 7.82
C ASN B 46 -26.95 20.16 9.31
N ASP B 47 -27.06 19.12 10.12
CA ASP B 47 -27.05 19.29 11.58
C ASP B 47 -25.64 19.71 12.02
N CYS B 48 -24.65 19.30 11.23
CA CYS B 48 -23.27 19.63 11.50
C CYS B 48 -23.08 21.12 11.26
N LEU B 49 -23.53 21.57 10.11
CA LEU B 49 -23.45 22.99 9.74
C LEU B 49 -24.16 23.87 10.75
N THR B 50 -25.25 23.37 11.32
CA THR B 50 -26.01 24.15 12.29
C THR B 50 -25.12 24.40 13.50
N GLN B 51 -24.47 23.34 13.98
CA GLN B 51 -23.60 23.52 15.13
C GLN B 51 -22.39 24.37 14.76
N TRP B 52 -21.73 24.02 13.66
CA TRP B 52 -20.54 24.75 13.23
C TRP B 52 -20.72 26.24 13.02
N ARG B 53 -21.83 26.61 12.39
CA ARG B 53 -22.10 28.00 12.10
C ARG B 53 -22.52 28.86 13.30
N SER B 54 -22.94 28.22 14.38
CA SER B 54 -23.35 28.93 15.58
C SER B 54 -22.09 29.35 16.32
N LYS B 55 -20.95 28.87 15.80
CA LYS B 55 -19.66 29.17 16.38
C LYS B 55 -18.89 30.14 15.49
N GLY B 56 -19.56 30.67 14.48
CA GLY B 56 -18.91 31.61 13.58
C GLY B 56 -17.95 31.01 12.58
N PHE B 57 -18.00 29.70 12.39
CA PHE B 57 -17.13 29.05 11.44
C PHE B 57 -17.64 29.32 10.05
N LYS B 58 -16.74 29.44 9.08
CA LYS B 58 -17.19 29.64 7.72
C LYS B 58 -17.11 28.22 7.20
N VAL B 59 -18.25 27.62 6.89
CA VAL B 59 -18.27 26.24 6.42
C VAL B 59 -19.41 26.00 5.45
N GLU B 60 -19.22 25.03 4.56
CA GLU B 60 -20.22 24.65 3.60
C GLU B 60 -20.02 23.16 3.44
N ALA B 61 -21.08 22.43 3.10
CA ALA B 61 -20.96 20.98 2.94
C ALA B 61 -21.95 20.46 1.93
N SER B 62 -21.74 19.22 1.48
CA SER B 62 -22.63 18.64 0.49
C SER B 62 -22.47 17.12 0.41
N VAL B 63 -23.56 16.44 0.09
CA VAL B 63 -23.57 14.99 0.00
C VAL B 63 -22.75 14.42 -1.16
N CYS B 64 -21.84 13.49 -0.85
CA CYS B 64 -21.00 12.87 -1.87
C CYS B 64 -20.66 11.46 -1.45
N ASP B 65 -20.65 10.56 -2.42
CA ASP B 65 -20.32 9.16 -2.17
C ASP B 65 -18.97 8.95 -2.84
N LEU B 66 -17.90 9.01 -2.06
CA LEU B 66 -16.55 8.87 -2.60
C LEU B 66 -16.20 7.54 -3.26
N SER B 67 -17.12 6.58 -3.22
CA SER B 67 -16.85 5.31 -3.89
C SER B 67 -17.23 5.46 -5.36
N SER B 68 -17.96 6.54 -5.66
CA SER B 68 -18.40 6.82 -7.02
C SER B 68 -17.48 7.82 -7.67
N ARG B 69 -16.68 7.37 -8.62
CA ARG B 69 -15.75 8.24 -9.31
C ARG B 69 -16.43 9.48 -9.89
N SER B 70 -17.55 9.28 -10.57
CA SER B 70 -18.30 10.40 -11.17
C SER B 70 -18.73 11.42 -10.11
N GLU B 71 -19.16 10.91 -8.97
CA GLU B 71 -19.58 11.78 -7.88
C GLU B 71 -18.37 12.54 -7.34
N ARG B 72 -17.17 11.94 -7.46
CA ARG B 72 -15.97 12.59 -6.97
C ARG B 72 -15.64 13.80 -7.85
N GLN B 73 -15.79 13.65 -9.16
CA GLN B 73 -15.48 14.75 -10.07
C GLN B 73 -16.55 15.82 -9.99
N GLU B 74 -17.70 15.47 -9.44
CA GLU B 74 -18.77 16.44 -9.30
C GLU B 74 -18.42 17.32 -8.10
N LEU B 75 -17.95 16.68 -7.03
CA LEU B 75 -17.58 17.40 -5.83
C LEU B 75 -16.49 18.42 -6.08
N MET B 76 -15.48 18.06 -6.88
CA MET B 76 -14.39 19.00 -7.13
C MET B 76 -14.88 20.23 -7.88
N ASN B 77 -15.77 20.03 -8.84
CA ASN B 77 -16.33 21.14 -9.61
C ASN B 77 -17.05 22.08 -8.65
N THR B 78 -17.83 21.48 -7.75
CA THR B 78 -18.59 22.25 -6.78
C THR B 78 -17.68 23.01 -5.82
N VAL B 79 -16.66 22.34 -5.29
CA VAL B 79 -15.75 23.02 -4.38
C VAL B 79 -14.92 24.07 -5.14
N ALA B 80 -14.45 23.71 -6.33
CA ALA B 80 -13.66 24.63 -7.15
C ALA B 80 -14.36 25.95 -7.32
N ASN B 81 -15.66 25.89 -7.66
CA ASN B 81 -16.46 27.10 -7.85
C ASN B 81 -16.63 27.84 -6.52
N HIS B 82 -16.99 27.10 -5.48
CA HIS B 82 -17.20 27.65 -4.14
C HIS B 82 -16.02 28.52 -3.69
N PHE B 83 -14.82 28.06 -3.97
CA PHE B 83 -13.61 28.78 -3.57
C PHE B 83 -12.99 29.54 -4.73
N HIS B 84 -13.75 29.66 -5.82
CA HIS B 84 -13.28 30.39 -6.99
C HIS B 84 -11.93 29.89 -7.51
N GLY B 85 -11.81 28.58 -7.69
CA GLY B 85 -10.58 28.01 -8.20
C GLY B 85 -9.32 28.10 -7.36
N LYS B 86 -9.46 28.20 -6.05
CA LYS B 86 -8.30 28.29 -5.19
C LYS B 86 -8.54 27.50 -3.91
N LEU B 87 -7.79 26.41 -3.79
CA LEU B 87 -7.87 25.52 -2.66
C LEU B 87 -6.47 25.36 -2.07
N ASN B 88 -6.32 25.70 -0.79
CA ASN B 88 -5.03 25.61 -0.13
C ASN B 88 -4.80 24.28 0.58
N ILE B 89 -5.88 23.68 1.06
CA ILE B 89 -5.82 22.44 1.81
C ILE B 89 -6.77 21.33 1.35
N LEU B 90 -6.26 20.11 1.27
CA LEU B 90 -7.08 18.95 0.92
C LEU B 90 -6.77 17.95 2.01
N VAL B 91 -7.75 17.64 2.82
CA VAL B 91 -7.52 16.67 3.89
C VAL B 91 -8.29 15.42 3.52
N ASN B 92 -7.57 14.35 3.16
CA ASN B 92 -8.18 13.09 2.79
C ASN B 92 -8.39 12.24 4.04
N ASN B 93 -9.59 12.33 4.61
CA ASN B 93 -9.93 11.65 5.85
C ASN B 93 -10.91 10.48 5.70
N ALA B 94 -11.84 10.59 4.77
CA ALA B 94 -12.83 9.53 4.55
C ALA B 94 -12.21 8.13 4.55
N GLY B 95 -12.85 7.20 5.26
CA GLY B 95 -12.34 5.84 5.30
C GLY B 95 -13.33 4.88 5.92
N ILE B 96 -13.31 3.62 5.48
CA ILE B 96 -14.21 2.61 6.04
C ILE B 96 -13.43 1.35 6.38
N VAL B 97 -13.91 0.64 7.40
CA VAL B 97 -13.28 -0.59 7.89
C VAL B 97 -14.19 -1.80 7.73
N ILE B 98 -13.59 -2.96 7.46
CA ILE B 98 -14.33 -4.22 7.33
C ILE B 98 -13.57 -5.27 8.14
N TYR B 99 -14.06 -5.54 9.35
CA TYR B 99 -13.44 -6.50 10.25
C TYR B 99 -13.59 -7.97 9.92
N LYS B 100 -12.72 -8.45 9.04
CA LYS B 100 -12.71 -9.85 8.62
C LYS B 100 -11.26 -10.26 8.47
N GLU B 101 -11.02 -11.56 8.37
CA GLU B 101 -9.65 -12.01 8.18
C GLU B 101 -9.34 -11.86 6.70
N ALA B 102 -8.06 -11.91 6.36
CA ALA B 102 -7.63 -11.73 4.99
C ALA B 102 -8.31 -12.69 4.02
N LYS B 103 -8.44 -13.94 4.44
CA LYS B 103 -9.05 -14.97 3.60
C LYS B 103 -10.59 -14.97 3.59
N ASP B 104 -11.21 -14.10 4.38
CA ASP B 104 -12.67 -14.03 4.44
C ASP B 104 -13.29 -12.85 3.69
N TYR B 105 -12.48 -12.09 2.97
CA TYR B 105 -12.97 -10.94 2.20
C TYR B 105 -13.59 -11.38 0.88
N THR B 106 -14.68 -10.73 0.46
CA THR B 106 -15.31 -11.07 -0.82
C THR B 106 -14.78 -10.05 -1.80
N VAL B 107 -14.99 -10.29 -3.08
CA VAL B 107 -14.53 -9.35 -4.08
C VAL B 107 -15.23 -8.02 -3.84
N GLU B 108 -16.43 -8.09 -3.26
CA GLU B 108 -17.20 -6.88 -2.98
C GLU B 108 -16.60 -6.10 -1.82
N ASP B 109 -16.16 -6.82 -0.80
CA ASP B 109 -15.58 -6.17 0.37
C ASP B 109 -14.31 -5.45 -0.03
N TYR B 110 -13.47 -6.16 -0.77
CA TYR B 110 -12.20 -5.63 -1.23
C TYR B 110 -12.37 -4.47 -2.19
N SER B 111 -13.25 -4.63 -3.17
CA SER B 111 -13.48 -3.55 -4.13
C SER B 111 -14.04 -2.31 -3.46
N LEU B 112 -14.92 -2.49 -2.48
CA LEU B 112 -15.51 -1.36 -1.78
C LEU B 112 -14.47 -0.59 -0.98
N ILE B 113 -13.72 -1.31 -0.13
CA ILE B 113 -12.71 -0.66 0.70
C ILE B 113 -11.53 -0.03 -0.04
N MET B 114 -11.11 -0.61 -1.16
CA MET B 114 -9.97 -0.07 -1.90
C MET B 114 -10.32 1.22 -2.64
N SER B 115 -11.61 1.38 -2.95
CA SER B 115 -12.06 2.54 -3.68
C SER B 115 -12.39 3.74 -2.80
N ILE B 116 -12.80 3.48 -1.57
CA ILE B 116 -13.12 4.57 -0.65
C ILE B 116 -11.88 5.02 0.10
N ASN B 117 -11.11 4.06 0.62
CA ASN B 117 -9.89 4.34 1.38
C ASN B 117 -8.68 4.79 0.54
N PHE B 118 -8.43 4.16 -0.60
CA PHE B 118 -7.29 4.56 -1.43
C PHE B 118 -7.62 5.31 -2.72
N GLU B 119 -8.15 4.61 -3.71
CA GLU B 119 -8.51 5.23 -4.99
C GLU B 119 -9.15 6.61 -4.87
N ALA B 120 -10.14 6.74 -3.98
CA ALA B 120 -10.84 7.99 -3.78
C ALA B 120 -9.89 9.07 -3.28
N ALA B 121 -9.06 8.73 -2.30
CA ALA B 121 -8.10 9.68 -1.76
C ALA B 121 -7.12 10.09 -2.85
N TYR B 122 -6.74 9.12 -3.67
CA TYR B 122 -5.82 9.35 -4.77
C TYR B 122 -6.50 10.19 -5.85
N HIS B 123 -7.73 9.83 -6.22
CA HIS B 123 -8.49 10.56 -7.25
C HIS B 123 -8.71 12.04 -6.89
N LEU B 124 -9.30 12.33 -5.74
CA LEU B 124 -9.53 13.73 -5.38
C LEU B 124 -8.20 14.46 -5.35
N SER B 125 -7.17 13.76 -4.88
CA SER B 125 -5.84 14.30 -4.79
C SER B 125 -5.51 14.93 -6.13
N VAL B 126 -5.52 14.08 -7.16
CA VAL B 126 -5.20 14.49 -8.53
C VAL B 126 -6.14 15.57 -9.08
N LEU B 127 -7.42 15.48 -8.73
CA LEU B 127 -8.42 16.45 -9.18
C LEU B 127 -8.18 17.84 -8.60
N ALA B 128 -7.86 17.88 -7.32
CA ALA B 128 -7.61 19.13 -6.60
C ALA B 128 -6.33 19.80 -7.03
N HIS B 129 -5.41 19.01 -7.56
CA HIS B 129 -4.10 19.50 -7.96
C HIS B 129 -4.01 20.88 -8.59
N PRO B 130 -4.71 21.12 -9.71
CA PRO B 130 -4.64 22.43 -10.38
C PRO B 130 -5.15 23.59 -9.53
N PHE B 131 -6.05 23.28 -8.61
CA PHE B 131 -6.64 24.26 -7.71
C PHE B 131 -5.71 24.49 -6.53
N LEU B 132 -4.96 23.46 -6.18
CA LEU B 132 -4.00 23.55 -5.09
C LEU B 132 -2.83 24.38 -5.59
N LYS B 133 -2.51 24.19 -6.87
CA LYS B 133 -1.43 24.92 -7.50
C LYS B 133 -1.79 26.40 -7.59
N ALA B 134 -2.94 26.70 -8.20
CA ALA B 134 -3.41 28.07 -8.34
C ALA B 134 -3.50 28.80 -7.00
N SER B 135 -3.45 28.06 -5.90
CA SER B 135 -3.53 28.67 -4.57
C SER B 135 -2.19 29.28 -4.22
N GLU B 136 -1.16 28.88 -4.96
CA GLU B 136 0.19 29.38 -4.76
C GLU B 136 0.81 28.86 -3.46
N ARG B 137 0.02 28.14 -2.68
CA ARG B 137 0.50 27.61 -1.41
C ARG B 137 -0.39 26.44 -0.98
N GLY B 138 -0.33 25.36 -1.75
CA GLY B 138 -1.16 24.19 -1.45
C GLY B 138 -0.62 23.25 -0.43
N ASN B 139 -1.53 22.47 0.14
CA ASN B 139 -1.20 21.48 1.16
C ASN B 139 -2.14 20.30 1.05
N VAL B 140 -1.57 19.10 1.11
CA VAL B 140 -2.36 17.89 1.03
C VAL B 140 -2.05 17.00 2.22
N VAL B 141 -3.09 16.57 2.93
CA VAL B 141 -2.88 15.70 4.08
C VAL B 141 -3.73 14.44 3.93
N PHE B 142 -3.09 13.29 4.14
CA PHE B 142 -3.75 11.99 4.05
C PHE B 142 -3.85 11.44 5.45
N ILE B 143 -5.03 10.95 5.84
CA ILE B 143 -5.16 10.39 7.19
C ILE B 143 -4.95 8.90 7.10
N SER B 144 -3.72 8.49 7.37
CA SER B 144 -3.30 7.10 7.31
C SER B 144 -3.71 6.34 8.59
N SER B 145 -2.86 5.43 9.04
CA SER B 145 -3.14 4.68 10.25
C SER B 145 -1.92 3.88 10.68
N VAL B 146 -1.85 3.54 11.96
CA VAL B 146 -0.71 2.77 12.41
C VAL B 146 -0.79 1.41 11.74
N SER B 147 -2.01 0.94 11.49
CA SER B 147 -2.23 -0.36 10.85
C SER B 147 -1.72 -0.39 9.42
N GLY B 148 -1.27 0.76 8.92
CA GLY B 148 -0.73 0.82 7.57
C GLY B 148 0.75 0.46 7.60
N ALA B 149 1.29 0.28 8.82
CA ALA B 149 2.69 -0.04 8.97
C ALA B 149 2.93 -1.23 9.90
N LEU B 150 1.91 -1.67 10.63
CA LEU B 150 2.07 -2.79 11.55
C LEU B 150 0.83 -3.66 11.56
N ALA B 151 1.01 -4.94 11.88
CA ALA B 151 -0.12 -5.87 11.91
C ALA B 151 -1.07 -5.68 13.10
N VAL B 152 -2.36 -5.55 12.78
CA VAL B 152 -3.39 -5.39 13.80
C VAL B 152 -4.53 -6.30 13.36
N PRO B 153 -5.13 -7.06 14.30
CA PRO B 153 -6.23 -7.97 13.97
C PRO B 153 -7.37 -7.44 13.11
N TYR B 154 -7.67 -8.16 12.02
CA TYR B 154 -8.76 -7.82 11.09
C TYR B 154 -8.52 -6.65 10.16
N GLU B 155 -7.30 -6.11 10.18
CA GLU B 155 -7.01 -4.99 9.32
C GLU B 155 -5.90 -5.25 8.30
N ALA B 156 -5.91 -6.43 7.68
CA ALA B 156 -4.91 -6.72 6.65
C ALA B 156 -5.22 -5.92 5.39
N VAL B 157 -6.40 -6.10 4.80
CA VAL B 157 -6.75 -5.35 3.61
C VAL B 157 -6.89 -3.88 3.97
N TYR B 158 -7.54 -3.61 5.08
CA TYR B 158 -7.70 -2.22 5.53
C TYR B 158 -6.32 -1.59 5.67
N GLY B 159 -5.36 -2.33 6.24
CA GLY B 159 -4.01 -1.82 6.40
C GLY B 159 -3.30 -1.72 5.05
N ALA B 160 -3.67 -2.59 4.12
CA ALA B 160 -3.05 -2.56 2.80
C ALA B 160 -3.40 -1.24 2.10
N THR B 161 -4.66 -0.82 2.20
CA THR B 161 -5.11 0.43 1.58
C THR B 161 -4.44 1.67 2.14
N LYS B 162 -4.05 1.63 3.40
CA LYS B 162 -3.39 2.78 4.01
C LYS B 162 -1.91 2.73 3.72
N GLY B 163 -1.36 1.52 3.65
CA GLY B 163 0.05 1.37 3.36
C GLY B 163 0.32 1.88 1.96
N ALA B 164 -0.66 1.76 1.06
CA ALA B 164 -0.49 2.24 -0.31
C ALA B 164 -0.62 3.76 -0.25
N MET B 165 -1.51 4.22 0.60
CA MET B 165 -1.72 5.65 0.77
C MET B 165 -0.43 6.32 1.23
N ASP B 166 0.21 5.71 2.23
CA ASP B 166 1.47 6.23 2.76
C ASP B 166 2.53 6.46 1.67
N GLN B 167 2.63 5.55 0.71
CA GLN B 167 3.63 5.68 -0.35
C GLN B 167 3.28 6.74 -1.39
N LEU B 168 2.02 6.81 -1.77
CA LEU B 168 1.61 7.82 -2.73
C LEU B 168 2.05 9.18 -2.16
N THR B 169 1.89 9.32 -0.85
CA THR B 169 2.27 10.53 -0.10
C THR B 169 3.73 10.93 -0.31
N ARG B 170 4.65 10.01 -0.03
CA ARG B 170 6.07 10.25 -0.21
C ARG B 170 6.41 10.69 -1.61
N CYS B 171 5.82 10.01 -2.59
CA CYS B 171 6.07 10.34 -4.00
C CYS B 171 5.49 11.68 -4.38
N LEU B 172 4.20 11.85 -4.12
CA LEU B 172 3.53 13.10 -4.45
C LEU B 172 4.27 14.34 -3.90
N ALA B 173 5.02 14.15 -2.81
CA ALA B 173 5.80 15.22 -2.18
C ALA B 173 6.87 15.73 -3.12
N PHE B 174 7.47 14.80 -3.86
CA PHE B 174 8.53 15.10 -4.81
C PHE B 174 7.97 15.50 -6.17
N GLU B 175 6.86 14.89 -6.55
CA GLU B 175 6.23 15.17 -7.84
C GLU B 175 5.53 16.53 -7.87
N TRP B 176 5.04 17.00 -6.73
CA TRP B 176 4.37 18.30 -6.71
C TRP B 176 5.16 19.38 -6.01
N ALA B 177 6.42 19.07 -5.69
CA ALA B 177 7.29 20.02 -5.02
C ALA B 177 7.34 21.36 -5.76
N LYS B 178 7.55 21.29 -7.06
CA LYS B 178 7.65 22.49 -7.89
C LYS B 178 6.33 23.21 -8.05
N ASP B 179 5.25 22.54 -7.65
CA ASP B 179 3.92 23.12 -7.76
C ASP B 179 3.50 23.85 -6.50
N ASN B 180 4.44 23.97 -5.56
CA ASN B 180 4.24 24.65 -4.27
C ASN B 180 3.33 23.90 -3.29
N ILE B 181 3.20 22.59 -3.48
CA ILE B 181 2.35 21.78 -2.63
C ILE B 181 3.19 20.88 -1.74
N ARG B 182 2.87 20.83 -0.46
CA ARG B 182 3.57 19.97 0.49
C ARG B 182 2.62 18.82 0.82
N VAL B 183 3.10 17.57 0.72
CA VAL B 183 2.26 16.42 1.01
C VAL B 183 2.77 15.64 2.23
N ASN B 184 1.91 15.47 3.23
CA ASN B 184 2.25 14.77 4.46
C ASN B 184 1.12 13.83 4.87
N GLY B 185 1.45 12.82 5.67
CA GLY B 185 0.45 11.89 6.14
C GLY B 185 0.38 11.91 7.67
N VAL B 186 -0.81 11.74 8.23
CA VAL B 186 -0.97 11.72 9.67
C VAL B 186 -1.62 10.40 10.03
N GLY B 187 -0.89 9.58 10.80
CA GLY B 187 -1.38 8.27 11.21
C GLY B 187 -1.98 8.20 12.61
N PRO B 188 -3.30 8.10 12.70
CA PRO B 188 -3.88 8.02 14.04
C PRO B 188 -3.64 6.65 14.67
N GLY B 189 -3.55 6.62 15.99
CA GLY B 189 -3.37 5.35 16.66
C GLY B 189 -4.75 4.79 16.95
N VAL B 190 -5.35 5.28 18.03
CA VAL B 190 -6.66 4.89 18.46
C VAL B 190 -7.30 6.18 18.96
N ILE B 191 -8.33 6.65 18.26
CA ILE B 191 -9.02 7.89 18.61
C ILE B 191 -10.49 7.60 18.91
N ALA B 192 -11.00 8.14 20.03
CA ALA B 192 -12.38 7.89 20.43
C ALA B 192 -13.43 8.48 19.48
N THR B 193 -13.73 7.75 18.42
CA THR B 193 -14.71 8.20 17.45
C THR B 193 -15.87 7.23 17.44
N SER B 194 -16.79 7.42 16.49
CA SER B 194 -17.95 6.57 16.35
C SER B 194 -17.54 5.21 15.79
N LEU B 195 -16.52 5.19 14.94
CA LEU B 195 -16.02 3.94 14.36
C LEU B 195 -15.49 3.00 15.44
N VAL B 196 -14.97 3.59 16.51
CA VAL B 196 -14.44 2.81 17.63
C VAL B 196 -15.55 2.20 18.48
N GLU B 197 -16.52 3.02 18.90
CA GLU B 197 -17.62 2.50 19.72
C GLU B 197 -18.41 1.40 19.01
N MET B 198 -18.57 1.51 17.70
CA MET B 198 -19.28 0.49 16.94
C MET B 198 -18.43 -0.78 17.02
N THR B 199 -17.13 -0.59 17.10
CA THR B 199 -16.17 -1.69 17.18
C THR B 199 -16.29 -2.41 18.51
N ILE B 200 -16.21 -1.66 19.61
CA ILE B 200 -16.29 -2.21 20.95
C ILE B 200 -17.62 -2.90 21.21
N GLN B 201 -18.59 -2.72 20.31
CA GLN B 201 -19.88 -3.37 20.47
C GLN B 201 -19.60 -4.85 20.55
N ASP B 202 -18.62 -5.28 19.75
CA ASP B 202 -18.20 -6.68 19.67
C ASP B 202 -17.30 -7.02 20.87
N PRO B 203 -17.67 -8.07 21.64
CA PRO B 203 -16.91 -8.51 22.81
C PRO B 203 -15.53 -9.07 22.51
N GLU B 204 -15.14 -9.04 21.24
CA GLU B 204 -13.85 -9.53 20.81
C GLU B 204 -13.09 -8.37 20.18
N GLN B 205 -13.83 -7.48 19.54
CA GLN B 205 -13.24 -6.30 18.94
C GLN B 205 -12.91 -5.38 20.10
N LYS B 206 -13.73 -5.50 21.15
CA LYS B 206 -13.55 -4.72 22.37
C LYS B 206 -12.33 -5.22 23.11
N GLU B 207 -12.11 -6.53 23.03
CA GLU B 207 -10.97 -7.13 23.70
C GLU B 207 -9.69 -6.81 22.94
N ASN B 208 -9.78 -6.70 21.63
CA ASN B 208 -8.63 -6.40 20.78
C ASN B 208 -8.22 -4.95 20.99
N LEU B 209 -9.21 -4.09 21.13
CA LEU B 209 -8.98 -2.67 21.31
C LEU B 209 -8.39 -2.26 22.64
N ASN B 210 -8.66 -3.03 23.70
CA ASN B 210 -8.13 -2.70 24.99
C ASN B 210 -6.67 -3.13 25.08
N LYS B 211 -6.25 -3.91 24.10
CA LYS B 211 -4.87 -4.40 24.00
C LYS B 211 -4.01 -3.29 23.40
N LEU B 212 -4.61 -2.53 22.49
CA LEU B 212 -3.95 -1.44 21.82
C LEU B 212 -3.75 -0.26 22.76
N ILE B 213 -4.76 -0.01 23.58
CA ILE B 213 -4.71 1.10 24.51
C ILE B 213 -3.70 0.81 25.61
N ASP B 214 -3.63 -0.46 26.00
CA ASP B 214 -2.69 -0.87 27.04
C ASP B 214 -1.28 -0.93 26.49
N ARG B 215 -1.16 -0.72 25.19
CA ARG B 215 0.14 -0.73 24.54
C ARG B 215 0.64 0.67 24.21
N CYS B 216 -0.13 1.68 24.59
CA CYS B 216 0.25 3.08 24.40
C CYS B 216 1.10 3.51 25.59
N ALA B 217 1.79 4.64 25.45
CA ALA B 217 2.60 5.18 26.51
C ALA B 217 1.65 5.86 27.48
N LEU B 218 0.67 6.56 26.90
CA LEU B 218 -0.33 7.30 27.66
C LEU B 218 -1.47 6.42 28.16
N ARG B 219 -1.55 5.21 27.62
CA ARG B 219 -2.58 4.25 28.04
C ARG B 219 -4.01 4.77 27.93
N ARG B 220 -4.32 5.40 26.81
CA ARG B 220 -5.67 5.92 26.59
C ARG B 220 -5.89 6.26 25.12
N MET B 221 -7.14 6.55 24.77
CA MET B 221 -7.47 6.89 23.40
C MET B 221 -7.25 8.38 23.18
N GLY B 222 -6.98 8.76 21.94
CA GLY B 222 -6.80 10.16 21.68
C GLY B 222 -8.16 10.79 21.47
N GLU B 223 -8.17 12.10 21.27
CA GLU B 223 -9.40 12.81 21.03
C GLU B 223 -9.32 13.35 19.61
N PRO B 224 -10.46 13.40 18.91
CA PRO B 224 -10.44 13.91 17.53
C PRO B 224 -9.64 15.21 17.44
N LYS B 225 -9.78 16.04 18.47
CA LYS B 225 -9.09 17.32 18.50
C LYS B 225 -7.58 17.21 18.70
N GLU B 226 -7.10 16.16 19.36
CA GLU B 226 -5.65 15.98 19.56
C GLU B 226 -5.04 15.57 18.26
N LEU B 227 -5.85 14.90 17.45
CA LEU B 227 -5.42 14.43 16.14
C LEU B 227 -5.54 15.59 15.15
N ALA B 228 -6.68 16.29 15.16
CA ALA B 228 -6.88 17.41 14.24
C ALA B 228 -5.77 18.46 14.37
N ALA B 229 -5.19 18.57 15.56
CA ALA B 229 -4.11 19.53 15.81
C ALA B 229 -2.88 19.28 14.93
N MET B 230 -2.53 18.01 14.71
CA MET B 230 -1.37 17.72 13.88
C MET B 230 -1.66 18.16 12.45
N VAL B 231 -2.84 17.83 11.94
CA VAL B 231 -3.26 18.22 10.61
C VAL B 231 -3.21 19.74 10.47
N ALA B 232 -3.72 20.45 11.46
CA ALA B 232 -3.75 21.91 11.44
C ALA B 232 -2.37 22.49 11.34
N PHE B 233 -1.48 22.03 12.20
CA PHE B 233 -0.10 22.52 12.19
C PHE B 233 0.57 22.35 10.81
N LEU B 234 0.44 21.17 10.21
CA LEU B 234 1.05 20.92 8.91
C LEU B 234 0.63 21.91 7.84
N CYS B 235 -0.54 22.53 8.02
CA CYS B 235 -1.04 23.50 7.03
C CYS B 235 -0.61 24.90 7.34
N PHE B 236 -0.16 25.15 8.57
CA PHE B 236 0.30 26.49 8.90
C PHE B 236 1.49 26.77 8.00
N PRO B 237 1.77 28.04 7.76
CA PRO B 237 2.90 28.44 6.93
C PRO B 237 4.18 28.28 7.74
N ALA B 238 4.06 27.89 9.00
CA ALA B 238 5.22 27.70 9.87
C ALA B 238 5.90 26.35 9.65
N ALA B 239 5.23 25.50 8.87
CA ALA B 239 5.70 24.15 8.55
C ALA B 239 6.15 24.08 7.10
N SER B 240 6.67 25.18 6.58
CA SER B 240 7.11 25.27 5.19
C SER B 240 8.15 24.25 4.78
N TYR B 241 8.87 23.69 5.73
CA TYR B 241 9.93 22.74 5.39
C TYR B 241 9.58 21.29 5.63
N VAL B 242 8.36 21.02 6.11
CA VAL B 242 7.91 19.66 6.38
C VAL B 242 7.12 19.09 5.21
N THR B 243 7.63 18.04 4.58
CA THR B 243 6.95 17.42 3.46
C THR B 243 7.37 15.98 3.24
N GLY B 244 6.42 15.15 2.79
CA GLY B 244 6.68 13.76 2.54
C GLY B 244 6.85 12.96 3.81
N GLN B 245 6.29 13.46 4.91
CA GLN B 245 6.39 12.77 6.19
C GLN B 245 5.09 12.09 6.64
N ILE B 246 5.24 10.94 7.30
CA ILE B 246 4.12 10.20 7.83
C ILE B 246 4.29 10.31 9.34
N ILE B 247 3.48 11.14 9.98
CA ILE B 247 3.60 11.33 11.42
C ILE B 247 2.44 10.69 12.13
N TYR B 248 2.74 9.98 13.22
CA TYR B 248 1.69 9.31 13.98
C TYR B 248 1.29 9.99 15.28
N VAL B 249 -0.02 10.10 15.48
CA VAL B 249 -0.58 10.69 16.70
C VAL B 249 -1.23 9.47 17.37
N ASP B 250 -0.40 8.69 18.06
CA ASP B 250 -0.81 7.45 18.69
C ASP B 250 -0.48 7.29 20.16
N GLY B 251 -0.20 8.38 20.85
CA GLY B 251 0.12 8.26 22.26
C GLY B 251 1.27 7.32 22.58
N GLY B 252 2.12 7.01 21.60
CA GLY B 252 3.26 6.16 21.85
C GLY B 252 3.20 4.77 21.27
N LEU B 253 2.02 4.35 20.81
CA LEU B 253 1.82 3.02 20.24
C LEU B 253 2.93 2.61 19.27
N MET B 254 3.21 3.43 18.27
CA MET B 254 4.24 3.14 17.29
C MET B 254 5.57 2.68 17.88
N ALA B 255 6.08 3.44 18.84
CA ALA B 255 7.37 3.16 19.48
C ALA B 255 7.45 1.95 20.42
N ASN B 256 6.31 1.36 20.75
CA ASN B 256 6.28 0.22 21.68
C ASN B 256 6.59 -1.18 21.14
N CYS B 257 7.30 -1.96 21.96
CA CYS B 257 7.60 -3.34 21.61
C CYS B 257 7.25 -4.30 22.73
N GLY B 258 7.77 -4.06 23.94
CA GLY B 258 7.48 -4.95 25.06
C GLY B 258 6.99 -4.33 26.35
N PHE B 259 6.48 -3.10 26.27
CA PHE B 259 5.94 -2.38 27.43
C PHE B 259 4.44 -2.70 27.56
PA NDP C . 10.25 -8.92 -16.08
O1A NDP C . 9.39 -8.07 -16.94
O2A NDP C . 11.61 -9.26 -16.54
O5B NDP C . 9.49 -10.24 -15.69
C5B NDP C . 8.14 -10.19 -15.23
C4B NDP C . 7.61 -11.60 -15.29
O4B NDP C . 6.27 -11.56 -14.78
C3B NDP C . 7.48 -12.16 -16.69
O3B NDP C . 7.66 -13.60 -16.78
C2B NDP C . 6.08 -11.77 -17.10
O2B NDP C . 5.63 -12.58 -18.22
C1B NDP C . 5.37 -12.03 -15.78
N9A NDP C . 4.07 -11.34 -15.84
C8A NDP C . 3.81 -10.00 -15.89
N7A NDP C . 2.50 -9.75 -15.93
C5A NDP C . 1.97 -10.97 -15.90
C6A NDP C . 0.59 -11.28 -15.93
N6A NDP C . -0.32 -10.33 -15.99
N1A NDP C . 0.27 -12.64 -15.88
C2A NDP C . 1.23 -13.63 -15.81
N3A NDP C . 2.54 -13.31 -15.79
C4A NDP C . 2.93 -11.98 -15.84
O3 NDP C . 10.37 -8.23 -14.67
PN NDP C . 11.29 -8.43 -13.43
O1N NDP C . 12.28 -7.34 -13.42
O2N NDP C . 11.77 -9.82 -13.50
O5D NDP C . 10.30 -8.23 -12.22
C5D NDP C . 9.81 -9.31 -11.45
C4D NDP C . 9.37 -8.79 -10.09
O4D NDP C . 10.43 -7.96 -9.57
C3D NDP C . 8.15 -7.89 -10.14
O3D NDP C . 7.25 -8.14 -9.05
C2D NDP C . 8.72 -6.47 -10.08
O2D NDP C . 7.71 -5.60 -9.60
C1D NDP C . 9.88 -6.71 -9.13
N1N NDP C . 10.94 -5.71 -9.23
C2N NDP C . 11.92 -5.69 -10.31
C3N NDP C . 13.01 -4.79 -10.26
C7N NDP C . 14.09 -4.67 -11.34
O7N NDP C . 15.03 -3.87 -11.27
N7N NDP C . 14.02 -5.47 -12.40
C4N NDP C . 13.08 -3.93 -9.10
C5N NDP C . 12.06 -3.83 -8.10
C6N NDP C . 10.96 -4.73 -8.16
P2B NDP C . 4.87 -11.97 -19.51
O1X NDP C . 5.48 -12.82 -20.69
O2X NDP C . 5.28 -10.58 -19.71
O3X NDP C . 3.45 -12.26 -19.38
PA NDP D . -16.01 7.69 11.32
O1A NDP D . -16.64 6.42 10.93
O2A NDP D . -16.30 8.25 12.66
O5B NDP D . -16.30 8.79 10.22
C5B NDP D . -15.89 8.65 8.86
C4B NDP D . -16.41 9.86 8.10
O4B NDP D . -16.13 9.69 6.69
C3B NDP D . -17.92 10.04 8.17
O3B NDP D . -18.34 11.43 8.22
C2B NDP D . -18.41 9.35 6.92
O2B NDP D . -19.72 9.80 6.55
C1B NDP D . -17.35 9.72 5.94
N9A NDP D . -17.41 8.77 4.79
C8A NDP D . -17.15 7.43 4.80
N7A NDP D . -17.31 6.89 3.58
C5A NDP D . -17.67 7.94 2.85
C6A NDP D . -17.96 7.93 1.44
N6A NDP D . -17.90 6.81 0.72
N1A NDP D . -18.32 9.15 0.89
C2A NDP D . -18.40 10.32 1.62
N3A NDP D . -18.11 10.30 2.94
C4A NDP D . -17.75 9.13 3.58
O3 NDP D . -14.44 7.49 11.16
PN NDP D . -13.15 8.01 11.94
O1N NDP D . -12.99 7.18 13.15
O2N NDP D . -13.34 9.48 12.12
O5D NDP D . -11.96 7.72 10.91
C5D NDP D . -11.52 8.69 9.95
C4D NDP D . -10.23 8.25 9.30
O4D NDP D . -9.29 7.88 10.34
C3D NDP D . -10.35 7.02 8.41
O3D NDP D . -9.59 7.11 7.20
C2D NDP D . -9.87 5.86 9.29
O2D NDP D . -9.44 4.81 8.44
C1D NDP D . -8.76 6.56 10.09
N1N NDP D . -8.48 5.95 11.40
C2N NDP D . -9.41 5.97 12.54
C3N NDP D . -8.93 5.52 13.83
C7N NDP D . -9.78 5.49 15.13
O7N NDP D . -9.88 4.49 15.83
N7N NDP D . -10.43 6.58 15.51
C4N NDP D . -7.57 5.07 13.90
C5N NDP D . -6.71 4.91 12.76
C6N NDP D . -7.18 5.35 11.49
P2B NDP D . -20.86 8.75 6.15
O1X NDP D . -22.21 9.56 6.36
O2X NDP D . -20.85 7.66 7.11
O3X NDP D . -20.72 8.46 4.73
#